data_7FAN
#
_entry.id   7FAN
#
_cell.length_a   114.522
_cell.length_b   74.296
_cell.length_c   75.073
_cell.angle_alpha   90.000
_cell.angle_beta   111.240
_cell.angle_gamma   90.000
#
_symmetry.space_group_name_H-M   'C 1 2 1'
#
loop_
_entity.id
_entity.type
_entity.pdbx_description
1 polymer 'Prolyl-tRNA synthetase (ProRS)'
2 non-polymer 4-[(3S)-3-cyano-3-(1-methylcyclopropyl)-2-oxidanylidene-pyrrolidin-1-yl]-N-[[3-fluoranyl-5-(1-methylpyrazol-4-yl)phenyl]methyl]-6-methyl-pyridine-2-carboxamide
3 non-polymer PROLINE
4 water water
#
_entity_poly.entity_id   1
_entity_poly.type   'polypeptide(L)'
_entity_poly.pdbx_seq_one_letter_code
;GAMVTAKKDENFSEWYTQAIVRSEMIEYYDISGCYIMRPWAFHIWEKVQRFFDDEIKKMGVENSYFPMFVSRHKLEKEKD
HVEGFSPEVAWVTHYGDSPLPEKIAIRPTSETIMYPAYAKWIRSHRDLPLKLNQWCSVVRWEFKQPTPFLRTREFLWQEG
HTAHATEEEAWELVLDILELYRRWYEECLAVPVIKGEKSEGEKFAGGKKTTTVEAFIPENGRGIQAATSHLLGTNFAKMF
EIEFEDEEGHKRLVHQTSWGCTTRSLGVMIMTHGDDKGLVIPPRVASVQVVIIPILFKDENTGEILGKCRELKTMLEKAD
IRVRIDDRSNYTPGWKYNHWEVKGVPLRLELGPKDLAKGTARVVRRDTGEAYQISWADLAPKLLELMEGIQRSLFEKAKA
RLHEGIEKISTFDEVMPALNRKHLVLAPWCEDPESEEQIKKETQKLSEIQAIEAGDSEQVMTGAMKTLCIPFDQPPMPEG
TKCFYTGKPAKRWTLWGRSY
;
_entity_poly.pdbx_strand_id   A
#
# COMPACT_ATOMS: atom_id res chain seq x y z
N GLY A 1 27.57 1.87 13.97
CA GLY A 1 26.57 2.90 13.96
C GLY A 1 26.13 3.17 12.55
N ALA A 2 24.92 3.66 12.40
CA ALA A 2 24.33 4.02 11.12
C ALA A 2 23.08 4.70 11.52
N MET A 3 23.03 6.01 11.38
CA MET A 3 21.86 6.70 11.73
C MET A 3 21.26 7.42 10.56
N VAL A 4 19.95 7.55 10.58
CA VAL A 4 19.32 8.48 9.64
C VAL A 4 19.68 9.93 10.02
N THR A 5 20.12 10.73 9.01
CA THR A 5 20.56 12.11 9.21
C THR A 5 19.79 13.14 8.39
N ALA A 6 19.24 12.79 7.23
CA ALA A 6 18.29 13.67 6.56
C ALA A 6 17.03 13.78 7.39
N LYS A 7 16.48 14.99 7.47
CA LYS A 7 15.23 15.20 8.21
C LYS A 7 14.01 15.01 7.31
N LYS A 8 12.99 14.36 7.86
CA LYS A 8 11.83 14.01 7.05
C LYS A 8 11.10 15.25 6.50
N ASP A 9 11.04 16.33 7.28
CA ASP A 9 10.34 17.58 6.92
C ASP A 9 11.20 18.55 6.10
N GLU A 10 12.44 18.21 5.77
CA GLU A 10 13.33 19.13 5.06
C GLU A 10 13.79 18.59 3.72
N ASN A 11 14.22 17.33 3.65
CA ASN A 11 14.61 16.77 2.36
C ASN A 11 13.98 15.39 2.38
N PHE A 12 12.74 15.33 1.96
CA PHE A 12 11.93 14.11 2.12
C PHE A 12 12.46 12.95 1.27
N SER A 13 12.93 13.24 0.06
CA SER A 13 13.46 12.20 -0.84
C SER A 13 14.72 11.55 -0.26
N GLU A 14 15.65 12.38 0.25
CA GLU A 14 16.85 11.85 0.89
C GLU A 14 16.51 11.06 2.14
N TRP A 15 15.57 11.55 2.93
CA TRP A 15 15.14 10.87 4.15
C TRP A 15 14.59 9.47 3.83
N TYR A 16 13.76 9.37 2.80
CA TYR A 16 13.13 8.09 2.45
C TYR A 16 14.17 7.07 1.99
N THR A 17 15.13 7.55 1.17
CA THR A 17 16.22 6.69 0.74
C THR A 17 17.05 6.22 1.94
N GLN A 18 17.43 7.14 2.83
CA GLN A 18 18.18 6.72 4.02
C GLN A 18 17.37 5.74 4.86
N ALA A 19 16.08 5.98 5.02
CA ALA A 19 15.31 5.12 5.93
C ALA A 19 15.22 3.68 5.40
N ILE A 20 15.02 3.52 4.09
CA ILE A 20 14.89 2.15 3.57
C ILE A 20 16.22 1.48 3.31
N VAL A 21 17.29 2.23 3.02
CA VAL A 21 18.59 1.62 2.85
C VAL A 21 19.23 1.28 4.19
N ARG A 22 19.25 2.22 5.15
CA ARG A 22 20.00 1.98 6.40
C ARG A 22 19.33 0.94 7.28
N SER A 23 18.02 0.76 7.12
CA SER A 23 17.30 -0.30 7.81
C SER A 23 17.41 -1.66 7.10
N GLU A 24 18.11 -1.76 5.95
CA GLU A 24 18.29 -3.00 5.17
C GLU A 24 16.97 -3.54 4.61
N MET A 25 16.08 -2.64 4.22
CA MET A 25 14.89 -3.09 3.52
C MET A 25 15.15 -3.37 2.05
N ILE A 26 16.01 -2.58 1.41
CA ILE A 26 16.14 -2.69 -0.06
C ILE A 26 17.61 -2.70 -0.42
N GLU A 27 17.88 -3.17 -1.62
CA GLU A 27 19.20 -3.03 -2.20
C GLU A 27 19.04 -2.69 -3.66
N TYR A 28 19.99 -1.90 -4.14
CA TYR A 28 20.01 -1.46 -5.51
C TYR A 28 20.44 -2.61 -6.40
N TYR A 29 20.28 -2.39 -7.68
CA TYR A 29 20.41 -3.42 -8.67
C TYR A 29 20.82 -2.71 -9.95
N ASP A 30 21.60 -3.45 -10.73
CA ASP A 30 22.18 -3.00 -12.00
C ASP A 30 21.24 -2.70 -13.15
N ILE A 31 20.03 -3.18 -13.06
CA ILE A 31 19.00 -2.87 -14.04
C ILE A 31 18.10 -1.81 -13.42
N SER A 32 18.04 -0.63 -14.06
CA SER A 32 17.37 0.48 -13.40
C SER A 32 15.86 0.24 -13.29
N GLY A 33 15.26 0.79 -12.25
CA GLY A 33 13.86 0.59 -11.99
C GLY A 33 13.50 -0.68 -11.23
N CYS A 34 14.46 -1.61 -11.03
CA CYS A 34 14.29 -2.81 -10.21
C CYS A 34 15.08 -2.69 -8.91
N TYR A 35 14.53 -3.19 -7.82
CA TYR A 35 15.21 -3.19 -6.52
C TYR A 35 15.10 -4.58 -5.91
N ILE A 36 16.05 -4.90 -5.07
CA ILE A 36 16.01 -6.12 -4.28
C ILE A 36 15.23 -5.85 -3.00
N MET A 37 14.30 -6.77 -2.67
CA MET A 37 13.55 -6.68 -1.42
C MET A 37 14.25 -7.61 -0.44
N ARG A 38 14.90 -7.03 0.58
CA ARG A 38 15.64 -7.81 1.55
C ARG A 38 14.68 -8.30 2.62
N PRO A 39 15.10 -9.23 3.49
CA PRO A 39 14.14 -9.84 4.43
C PRO A 39 13.41 -8.86 5.33
N TRP A 40 14.06 -7.79 5.79
CA TRP A 40 13.35 -6.91 6.71
C TRP A 40 12.11 -6.33 6.06
N ALA A 41 12.16 -6.03 4.75
CA ALA A 41 10.90 -5.61 4.12
C ALA A 41 10.01 -6.81 3.72
N PHE A 42 10.65 -7.88 3.26
CA PHE A 42 9.88 -9.02 2.73
C PHE A 42 9.04 -9.67 3.81
N HIS A 43 9.50 -9.70 5.08
CA HIS A 43 8.66 -10.24 6.17
C HIS A 43 7.35 -9.47 6.30
N ILE A 44 7.40 -8.15 6.05
CA ILE A 44 6.19 -7.36 6.16
C ILE A 44 5.22 -7.73 5.05
N TRP A 45 5.75 -7.86 3.83
CA TRP A 45 4.93 -8.39 2.73
C TRP A 45 4.29 -9.75 3.06
N GLU A 46 5.09 -10.67 3.62
CA GLU A 46 4.54 -12.00 3.94
C GLU A 46 3.39 -11.87 4.93
N LYS A 47 3.50 -10.91 5.86
CA LYS A 47 2.43 -10.74 6.86
C LYS A 47 1.13 -10.23 6.23
N VAL A 48 1.20 -9.22 5.37
CA VAL A 48 0.00 -8.72 4.76
C VAL A 48 -0.53 -9.70 3.75
N GLN A 49 0.35 -10.45 3.13
CA GLN A 49 -0.09 -11.49 2.19
C GLN A 49 -0.91 -12.54 2.90
N ARG A 50 -0.44 -13.00 4.05
CA ARG A 50 -1.18 -13.96 4.87
C ARG A 50 -2.54 -13.41 5.28
N PHE A 51 -2.55 -12.15 5.78
CA PHE A 51 -3.84 -11.53 6.10
C PHE A 51 -4.83 -11.59 4.92
N PHE A 52 -4.42 -11.05 3.77
CA PHE A 52 -5.37 -10.94 2.66
C PHE A 52 -5.74 -12.32 2.13
N ASP A 53 -4.77 -13.22 2.07
CA ASP A 53 -4.99 -14.57 1.60
C ASP A 53 -6.06 -15.27 2.44
N ASP A 54 -5.98 -15.12 3.76
CA ASP A 54 -6.98 -15.77 4.65
C ASP A 54 -8.38 -15.17 4.42
N GLU A 55 -8.45 -13.84 4.23
CA GLU A 55 -9.76 -13.20 4.05
C GLU A 55 -10.39 -13.58 2.73
N ILE A 56 -9.62 -13.62 1.63
CA ILE A 56 -10.29 -13.99 0.36
C ILE A 56 -10.66 -15.47 0.33
N LYS A 57 -9.92 -16.32 1.03
CA LYS A 57 -10.27 -17.69 1.13
C LYS A 57 -11.64 -17.85 1.80
N LYS A 58 -11.93 -17.00 2.82
CA LYS A 58 -13.28 -17.08 3.38
C LYS A 58 -14.39 -16.70 2.35
N MET A 59 -14.05 -15.91 1.35
CA MET A 59 -14.99 -15.56 0.29
C MET A 59 -15.08 -16.60 -0.81
N GLY A 60 -14.33 -17.70 -0.73
CA GLY A 60 -14.37 -18.70 -1.79
C GLY A 60 -13.40 -18.42 -2.94
N VAL A 61 -12.52 -17.45 -2.81
CA VAL A 61 -11.52 -17.24 -3.85
C VAL A 61 -10.43 -18.30 -3.67
N GLU A 62 -9.89 -18.80 -4.76
CA GLU A 62 -8.83 -19.79 -4.70
C GLU A 62 -7.62 -19.30 -5.45
N ASN A 63 -6.42 -19.63 -4.96
CA ASN A 63 -5.21 -19.27 -5.67
C ASN A 63 -4.92 -20.24 -6.83
N SER A 64 -4.15 -19.71 -7.80
CA SER A 64 -3.86 -20.38 -9.07
C SER A 64 -2.55 -19.80 -9.55
N TYR A 65 -2.05 -20.31 -10.68
CA TYR A 65 -0.85 -19.65 -11.24
C TYR A 65 -0.91 -19.73 -12.75
N PHE A 66 -0.99 -18.59 -13.39
CA PHE A 66 -0.99 -18.45 -14.85
C PHE A 66 0.37 -18.00 -15.38
N PRO A 67 0.64 -18.30 -16.65
CA PRO A 67 1.97 -18.04 -17.19
C PRO A 67 2.34 -16.55 -17.15
N MET A 68 3.63 -16.30 -17.13
CA MET A 68 4.10 -14.91 -17.18
C MET A 68 4.13 -14.34 -18.59
N PHE A 69 3.97 -15.17 -19.60
CA PHE A 69 4.07 -14.73 -20.98
C PHE A 69 2.67 -14.57 -21.61
N VAL A 70 2.56 -13.61 -22.53
CA VAL A 70 1.32 -13.47 -23.29
C VAL A 70 1.65 -13.22 -24.74
N SER A 71 0.90 -13.86 -25.63
CA SER A 71 1.14 -13.69 -27.04
C SER A 71 0.70 -12.29 -27.50
N ARG A 72 1.43 -11.75 -28.48
CA ARG A 72 1.05 -10.48 -29.12
C ARG A 72 -0.43 -10.47 -29.51
N HIS A 73 -0.94 -11.60 -30.04
CA HIS A 73 -2.33 -11.67 -30.51
C HIS A 73 -3.32 -11.38 -29.38
N LYS A 74 -3.17 -12.06 -28.25
CA LYS A 74 -4.05 -11.89 -27.11
C LYS A 74 -3.88 -10.56 -26.39
N LEU A 75 -2.62 -10.15 -26.19
CA LEU A 75 -2.34 -8.91 -25.50
C LEU A 75 -3.01 -7.74 -26.21
N GLU A 76 -2.68 -7.55 -27.49
CA GLU A 76 -3.26 -6.48 -28.32
C GLU A 76 -4.50 -7.03 -29.03
N LYS A 77 -5.64 -6.97 -28.30
CA LYS A 77 -6.93 -7.56 -28.72
C LYS A 77 -8.11 -6.61 -28.43
N PRO A 87 2.84 0.46 -25.04
CA PRO A 87 2.08 0.41 -23.79
C PRO A 87 2.86 0.07 -22.51
N GLU A 88 4.19 0.36 -22.41
CA GLU A 88 5.05 -0.04 -21.27
C GLU A 88 5.24 -1.57 -21.14
N VAL A 89 5.19 -2.34 -22.23
CA VAL A 89 5.31 -3.80 -22.16
C VAL A 89 6.69 -4.25 -22.63
N ALA A 90 7.29 -5.17 -21.90
CA ALA A 90 8.57 -5.74 -22.28
C ALA A 90 8.36 -6.93 -23.21
N TRP A 91 9.05 -6.96 -24.33
CA TRP A 91 8.90 -8.01 -25.33
C TRP A 91 10.11 -8.94 -25.34
N VAL A 92 9.82 -10.24 -25.31
CA VAL A 92 10.80 -11.27 -25.57
C VAL A 92 10.76 -11.57 -27.05
N THR A 93 11.89 -11.38 -27.72
CA THR A 93 11.94 -11.62 -29.13
C THR A 93 12.93 -12.71 -29.52
N HIS A 94 13.70 -13.27 -28.58
CA HIS A 94 14.76 -14.24 -28.90
C HIS A 94 14.98 -15.21 -27.73
N TYR A 95 15.13 -16.49 -28.06
CA TYR A 95 15.61 -17.48 -27.10
C TYR A 95 17.05 -17.79 -27.47
N GLY A 96 17.98 -17.53 -26.55
CA GLY A 96 19.40 -17.47 -26.87
C GLY A 96 19.64 -16.63 -28.11
N ASP A 97 20.25 -17.25 -29.13
CA ASP A 97 20.61 -16.71 -30.44
C ASP A 97 19.46 -16.68 -31.43
N SER A 98 18.37 -17.29 -31.11
CA SER A 98 17.42 -17.57 -32.17
C SER A 98 16.18 -16.68 -32.08
N PRO A 99 15.75 -16.16 -33.23
CA PRO A 99 14.56 -15.29 -33.26
C PRO A 99 13.28 -16.08 -32.98
N LEU A 100 12.51 -15.64 -31.97
CA LEU A 100 11.16 -16.17 -31.79
C LEU A 100 10.35 -15.99 -33.08
N PRO A 101 9.53 -16.97 -33.47
CA PRO A 101 8.69 -16.77 -34.67
C PRO A 101 7.69 -15.64 -34.50
N GLU A 102 7.12 -15.47 -33.30
CA GLU A 102 6.43 -14.23 -32.97
C GLU A 102 6.76 -13.80 -31.54
N LYS A 103 6.96 -12.49 -31.36
CA LYS A 103 7.38 -11.97 -30.06
C LYS A 103 6.27 -12.15 -29.04
N ILE A 104 6.69 -12.33 -27.77
CA ILE A 104 5.80 -12.56 -26.65
C ILE A 104 6.13 -11.55 -25.56
N ALA A 105 5.09 -11.09 -24.83
CA ALA A 105 5.23 -10.05 -23.83
C ALA A 105 5.28 -10.65 -22.43
N ILE A 106 5.97 -9.96 -21.56
CA ILE A 106 5.90 -10.24 -20.12
C ILE A 106 4.65 -9.55 -19.56
N ARG A 107 3.89 -10.25 -18.71
CA ARG A 107 2.60 -9.75 -18.26
C ARG A 107 2.72 -8.38 -17.56
N PRO A 108 1.93 -7.36 -17.99
CA PRO A 108 1.77 -6.14 -17.17
C PRO A 108 0.62 -6.27 -16.19
N THR A 109 -0.22 -7.28 -16.45
CA THR A 109 -1.51 -7.59 -15.81
C THR A 109 -2.02 -8.82 -16.55
N SER A 110 -2.95 -9.60 -15.94
CA SER A 110 -3.22 -10.91 -16.56
C SER A 110 -4.63 -11.12 -17.09
N GLU A 111 -5.41 -10.06 -17.33
CA GLU A 111 -6.73 -10.27 -17.96
C GLU A 111 -6.64 -11.09 -19.25
N THR A 112 -5.74 -10.69 -20.18
CA THR A 112 -5.71 -11.37 -21.48
C THR A 112 -5.08 -12.76 -21.39
N ILE A 113 -4.41 -13.07 -20.28
CA ILE A 113 -3.84 -14.39 -20.04
C ILE A 113 -4.91 -15.33 -19.46
N MET A 114 -5.72 -14.82 -18.55
CA MET A 114 -6.67 -15.65 -17.85
C MET A 114 -7.97 -15.83 -18.62
N TYR A 115 -8.46 -14.81 -19.26
CA TYR A 115 -9.79 -14.82 -19.85
C TYR A 115 -10.12 -15.83 -20.96
N PRO A 116 -9.18 -16.13 -21.83
CA PRO A 116 -9.43 -17.25 -22.76
C PRO A 116 -9.73 -18.54 -22.01
N ALA A 117 -9.02 -18.80 -20.90
CA ALA A 117 -9.33 -20.00 -20.10
C ALA A 117 -10.73 -19.91 -19.46
N TYR A 118 -11.08 -18.72 -18.90
CA TYR A 118 -12.42 -18.54 -18.35
C TYR A 118 -13.47 -18.89 -19.40
N ALA A 119 -13.29 -18.43 -20.62
CA ALA A 119 -14.27 -18.72 -21.65
C ALA A 119 -14.37 -20.22 -21.88
N LYS A 120 -13.26 -20.93 -21.68
CA LYS A 120 -13.36 -22.40 -21.81
C LYS A 120 -14.08 -23.02 -20.61
N TRP A 121 -13.83 -22.53 -19.41
CA TRP A 121 -14.30 -23.13 -18.16
C TRP A 121 -15.76 -22.81 -17.84
N ILE A 122 -16.29 -21.69 -18.29
CA ILE A 122 -17.62 -21.30 -17.90
C ILE A 122 -18.58 -21.75 -19.00
N ARG A 123 -19.60 -22.54 -18.65
CA ARG A 123 -20.61 -23.02 -19.61
C ARG A 123 -22.04 -22.82 -19.12
N SER A 124 -22.25 -22.99 -17.82
CA SER A 124 -23.53 -23.05 -17.16
C SER A 124 -23.51 -22.13 -15.95
N HIS A 125 -24.71 -21.67 -15.57
CA HIS A 125 -24.85 -20.88 -14.33
C HIS A 125 -24.34 -21.66 -13.13
N ARG A 126 -24.31 -22.99 -13.21
CA ARG A 126 -23.76 -23.78 -12.11
C ARG A 126 -22.25 -23.68 -12.01
N ASP A 127 -21.57 -23.13 -13.03
CA ASP A 127 -20.15 -22.84 -12.98
C ASP A 127 -19.84 -21.49 -12.37
N LEU A 128 -20.84 -20.74 -11.95
CA LEU A 128 -20.65 -19.38 -11.43
C LEU A 128 -21.10 -19.35 -9.98
N PRO A 129 -20.47 -18.52 -9.11
CA PRO A 129 -19.37 -17.65 -9.58
C PRO A 129 -18.01 -18.35 -9.66
N LEU A 130 -17.11 -17.83 -10.48
CA LEU A 130 -15.76 -18.34 -10.60
C LEU A 130 -14.85 -17.27 -9.97
N LYS A 131 -14.06 -17.67 -8.97
CA LYS A 131 -13.24 -16.70 -8.21
C LYS A 131 -11.81 -17.21 -8.06
N LEU A 132 -10.85 -16.49 -8.71
CA LEU A 132 -9.45 -16.88 -8.71
C LEU A 132 -8.56 -15.69 -8.31
N ASN A 133 -7.42 -16.00 -7.72
CA ASN A 133 -6.41 -15.00 -7.39
C ASN A 133 -5.03 -15.58 -7.70
N GLN A 134 -4.06 -14.69 -7.97
CA GLN A 134 -2.69 -15.16 -7.97
C GLN A 134 -1.77 -14.12 -7.33
N TRP A 135 -0.73 -14.62 -6.75
CA TRP A 135 0.39 -13.86 -6.20
C TRP A 135 1.53 -14.00 -7.18
N CYS A 136 2.01 -12.89 -7.71
CA CYS A 136 3.10 -13.02 -8.69
C CYS A 136 3.77 -11.67 -8.86
N SER A 137 4.68 -11.58 -9.79
CA SER A 137 5.17 -10.24 -10.12
C SER A 137 4.72 -9.87 -11.52
N VAL A 138 4.69 -8.56 -11.78
CA VAL A 138 4.39 -8.05 -13.11
C VAL A 138 5.42 -6.96 -13.45
N VAL A 139 5.47 -6.64 -14.74
CA VAL A 139 6.45 -5.72 -15.31
C VAL A 139 5.73 -4.64 -16.08
N ARG A 140 5.98 -3.39 -15.70
CA ARG A 140 5.44 -2.25 -16.43
C ARG A 140 6.64 -1.36 -16.73
N TRP A 141 7.01 -1.30 -18.01
CA TRP A 141 8.35 -0.79 -18.35
C TRP A 141 8.28 0.66 -18.80
N GLU A 142 7.98 1.54 -17.84
CA GLU A 142 8.12 2.98 -18.05
C GLU A 142 9.58 3.43 -18.06
N PHE A 143 9.93 4.28 -19.02
CA PHE A 143 11.25 4.89 -19.04
C PHE A 143 11.19 6.27 -18.39
N LYS A 144 10.87 6.26 -17.10
CA LYS A 144 10.98 7.40 -16.21
C LYS A 144 11.65 6.91 -14.94
N GLN A 145 11.96 7.85 -14.05
CA GLN A 145 12.78 7.56 -12.88
C GLN A 145 11.99 6.81 -11.83
N PRO A 146 12.50 5.70 -11.32
CA PRO A 146 11.74 4.90 -10.36
C PRO A 146 11.82 5.46 -8.95
N THR A 147 10.93 4.94 -8.10
CA THR A 147 10.92 5.24 -6.67
C THR A 147 10.78 3.90 -5.98
N PRO A 148 11.72 3.51 -5.10
CA PRO A 148 11.56 2.24 -4.37
C PRO A 148 10.17 2.08 -3.74
N PHE A 149 9.64 0.87 -3.88
CA PHE A 149 8.26 0.46 -3.51
C PHE A 149 7.15 1.13 -4.29
N LEU A 150 7.27 2.43 -4.55
CA LEU A 150 6.11 3.19 -5.00
C LEU A 150 5.87 3.08 -6.51
N ARG A 151 6.94 3.20 -7.31
CA ARG A 151 6.87 3.11 -8.80
C ARG A 151 8.13 2.42 -9.32
N THR A 152 7.99 1.13 -9.71
CA THR A 152 9.14 0.32 -10.09
C THR A 152 8.77 -0.47 -11.33
N ARG A 153 9.81 -0.91 -12.06
CA ARG A 153 9.54 -1.55 -13.35
C ARG A 153 9.00 -2.98 -13.15
N GLU A 154 9.40 -3.62 -12.07
CA GLU A 154 8.90 -4.94 -11.70
C GLU A 154 8.37 -4.80 -10.27
N PHE A 155 7.20 -5.33 -10.00
CA PHE A 155 6.71 -5.33 -8.62
C PHE A 155 5.88 -6.58 -8.35
N LEU A 156 5.86 -6.96 -7.07
CA LEU A 156 5.02 -8.04 -6.57
C LEU A 156 3.62 -7.53 -6.35
N TRP A 157 2.63 -8.40 -6.67
CA TRP A 157 1.29 -8.01 -6.32
C TRP A 157 0.45 -9.28 -6.12
N GLN A 158 -0.81 -9.08 -5.88
CA GLN A 158 -1.79 -10.13 -6.06
C GLN A 158 -2.77 -9.53 -7.08
N GLU A 159 -3.35 -10.35 -7.92
CA GLU A 159 -4.45 -9.90 -8.73
C GLU A 159 -5.55 -10.97 -8.65
N GLY A 160 -6.78 -10.55 -8.36
CA GLY A 160 -7.95 -11.45 -8.30
C GLY A 160 -8.87 -11.12 -9.48
N HIS A 161 -9.62 -12.13 -9.92
CA HIS A 161 -10.44 -12.03 -11.13
C HIS A 161 -11.63 -12.95 -10.87
N THR A 162 -12.85 -12.38 -10.91
CA THR A 162 -14.06 -13.17 -10.68
C THR A 162 -15.06 -12.94 -11.80
N ALA A 163 -15.96 -13.91 -11.95
CA ALA A 163 -17.02 -13.88 -12.95
C ALA A 163 -18.30 -14.35 -12.30
N HIS A 164 -19.41 -13.64 -12.58
CA HIS A 164 -20.69 -13.74 -11.89
C HIS A 164 -21.84 -13.80 -12.89
N ALA A 165 -22.96 -14.38 -12.44
CA ALA A 165 -24.10 -14.45 -13.34
C ALA A 165 -24.84 -13.11 -13.46
N THR A 166 -24.64 -12.17 -12.54
CA THR A 166 -25.38 -10.91 -12.55
C THR A 166 -24.44 -9.77 -12.22
N GLU A 167 -24.81 -8.56 -12.68
CA GLU A 167 -24.03 -7.38 -12.34
C GLU A 167 -24.04 -7.14 -10.83
N GLU A 168 -25.20 -7.32 -10.21
CA GLU A 168 -25.31 -6.93 -8.81
C GLU A 168 -24.39 -7.76 -7.92
N GLU A 169 -24.21 -9.04 -8.24
CA GLU A 169 -23.32 -9.88 -7.46
C GLU A 169 -21.85 -9.48 -7.66
N ALA A 170 -21.48 -9.20 -8.91
CA ALA A 170 -20.12 -8.77 -9.19
C ALA A 170 -19.81 -7.45 -8.47
N TRP A 171 -20.76 -6.52 -8.44
CA TRP A 171 -20.54 -5.24 -7.73
C TRP A 171 -20.42 -5.43 -6.22
N GLU A 172 -21.20 -6.33 -5.67
CA GLU A 172 -21.12 -6.67 -4.29
C GLU A 172 -19.70 -7.21 -3.99
N LEU A 173 -19.17 -8.06 -4.85
CA LEU A 173 -17.80 -8.55 -4.65
C LEU A 173 -16.77 -7.39 -4.76
N VAL A 174 -16.90 -6.51 -5.75
CA VAL A 174 -15.97 -5.37 -5.90
C VAL A 174 -15.86 -4.61 -4.57
N LEU A 175 -17.03 -4.32 -3.97
CA LEU A 175 -17.03 -3.52 -2.72
C LEU A 175 -16.51 -4.31 -1.51
N ASP A 176 -16.81 -5.62 -1.44
CA ASP A 176 -16.22 -6.46 -0.39
C ASP A 176 -14.69 -6.48 -0.48
N ILE A 177 -14.16 -6.55 -1.70
CA ILE A 177 -12.70 -6.57 -1.84
C ILE A 177 -12.15 -5.21 -1.45
N LEU A 178 -12.82 -4.12 -1.87
CA LEU A 178 -12.32 -2.79 -1.50
C LEU A 178 -12.27 -2.64 0.01
N GLU A 179 -13.19 -3.26 0.71
CA GLU A 179 -13.18 -3.23 2.15
C GLU A 179 -12.00 -4.03 2.69
N LEU A 180 -11.67 -5.15 2.05
CA LEU A 180 -10.46 -5.85 2.46
C LEU A 180 -9.23 -4.96 2.27
N TYR A 181 -9.19 -4.19 1.18
CA TYR A 181 -8.01 -3.31 1.01
C TYR A 181 -7.99 -2.19 2.06
N ARG A 182 -9.17 -1.67 2.42
CA ARG A 182 -9.22 -0.73 3.55
C ARG A 182 -8.64 -1.39 4.80
N ARG A 183 -8.94 -2.68 5.02
CA ARG A 183 -8.39 -3.33 6.22
C ARG A 183 -6.90 -3.59 6.08
N TRP A 184 -6.46 -4.01 4.90
CA TRP A 184 -5.01 -4.13 4.64
C TRP A 184 -4.27 -2.84 5.05
N TYR A 185 -4.75 -1.68 4.59
CA TYR A 185 -4.02 -0.44 4.89
C TYR A 185 -4.28 0.01 6.32
N GLU A 186 -5.55 0.08 6.70
CA GLU A 186 -5.88 0.77 7.93
C GLU A 186 -5.66 -0.13 9.14
N GLU A 187 -6.06 -1.39 9.05
CA GLU A 187 -5.93 -2.31 10.18
C GLU A 187 -4.56 -2.97 10.27
N CYS A 188 -3.91 -3.31 9.14
CA CYS A 188 -2.56 -3.89 9.32
C CYS A 188 -1.49 -2.79 9.37
N LEU A 189 -1.51 -1.86 8.39
CA LEU A 189 -0.41 -0.92 8.20
C LEU A 189 -0.63 0.39 8.93
N ALA A 190 -1.81 0.56 9.55
CA ALA A 190 -2.18 1.78 10.26
C ALA A 190 -2.11 3.03 9.37
N VAL A 191 -2.42 2.86 8.08
CA VAL A 191 -2.45 3.94 7.08
C VAL A 191 -3.90 4.28 6.78
N PRO A 192 -4.35 5.52 7.01
CA PRO A 192 -5.72 5.92 6.64
C PRO A 192 -5.85 6.06 5.14
N VAL A 193 -6.98 5.58 4.58
CA VAL A 193 -7.23 5.69 3.16
C VAL A 193 -8.67 6.15 2.94
N ILE A 194 -8.92 6.70 1.75
CA ILE A 194 -10.24 7.17 1.34
C ILE A 194 -10.76 6.24 0.24
N LYS A 195 -11.94 5.63 0.45
CA LYS A 195 -12.60 4.86 -0.60
C LYS A 195 -13.32 5.77 -1.60
N GLY A 196 -13.17 5.47 -2.88
CA GLY A 196 -13.94 6.23 -3.83
C GLY A 196 -13.99 5.59 -5.20
N GLU A 197 -14.69 6.28 -6.11
CA GLU A 197 -14.82 5.85 -7.48
C GLU A 197 -13.87 6.66 -8.36
N LYS A 198 -13.20 6.01 -9.30
CA LYS A 198 -12.36 6.76 -10.24
C LYS A 198 -13.22 7.50 -11.26
N SER A 199 -12.72 8.65 -11.74
CA SER A 199 -13.36 9.36 -12.85
C SER A 199 -13.33 8.52 -14.13
N GLU A 200 -14.11 8.95 -15.13
CA GLU A 200 -14.18 8.18 -16.37
C GLU A 200 -12.84 8.15 -17.09
N GLY A 201 -12.06 9.23 -16.98
CA GLY A 201 -10.73 9.26 -17.54
C GLY A 201 -9.70 8.41 -16.81
N GLU A 202 -9.86 8.21 -15.50
CA GLU A 202 -8.88 7.44 -14.77
C GLU A 202 -9.30 6.00 -14.53
N LYS A 203 -10.46 5.55 -15.06
CA LYS A 203 -10.81 4.17 -14.71
C LYS A 203 -10.04 3.18 -15.58
N PHE A 204 -10.12 1.90 -15.20
CA PHE A 204 -9.41 0.84 -15.91
C PHE A 204 -9.81 0.77 -17.36
N ALA A 205 -8.82 0.72 -18.25
CA ALA A 205 -9.15 0.59 -19.67
C ALA A 205 -9.98 -0.68 -19.90
N GLY A 206 -11.13 -0.50 -20.53
CA GLY A 206 -12.04 -1.56 -20.91
C GLY A 206 -13.05 -1.93 -19.85
N GLY A 207 -12.94 -1.35 -18.61
CA GLY A 207 -13.81 -1.69 -17.51
C GLY A 207 -15.08 -0.85 -17.49
N LYS A 208 -15.97 -1.20 -16.56
CA LYS A 208 -17.20 -0.43 -16.45
C LYS A 208 -17.07 0.67 -15.40
N LYS A 209 -16.60 0.32 -14.20
CA LYS A 209 -16.45 1.25 -13.09
C LYS A 209 -15.26 0.82 -12.23
N THR A 210 -14.43 1.77 -11.83
CA THR A 210 -13.24 1.46 -11.04
C THR A 210 -13.36 2.13 -9.68
N THR A 211 -13.21 1.33 -8.63
CA THR A 211 -13.14 1.82 -7.26
C THR A 211 -11.70 1.74 -6.76
N THR A 212 -11.42 2.56 -5.75
CA THR A 212 -10.05 2.75 -5.31
C THR A 212 -10.05 3.08 -3.83
N VAL A 213 -8.91 2.83 -3.18
CA VAL A 213 -8.61 3.48 -1.91
C VAL A 213 -7.37 4.33 -2.17
N GLU A 214 -7.42 5.57 -1.72
CA GLU A 214 -6.35 6.53 -1.96
C GLU A 214 -5.67 6.91 -0.64
N ALA A 215 -4.36 7.11 -0.69
CA ALA A 215 -3.58 7.53 0.45
C ALA A 215 -2.99 8.91 0.14
N PHE A 216 -2.42 9.56 1.17
CA PHE A 216 -1.90 10.93 1.02
C PHE A 216 -0.54 11.02 1.70
N ILE A 217 0.42 11.68 1.04
CA ILE A 217 1.78 11.81 1.57
C ILE A 217 1.98 13.30 1.90
N PRO A 218 1.89 13.66 3.17
CA PRO A 218 1.89 15.08 3.55
C PRO A 218 3.18 15.79 3.13
N GLU A 219 4.31 15.11 3.14
CA GLU A 219 5.56 15.83 3.00
C GLU A 219 5.80 16.31 1.58
N ASN A 220 5.17 15.69 0.58
CA ASN A 220 5.21 16.25 -0.79
C ASN A 220 3.81 16.60 -1.31
N GLY A 221 2.78 16.48 -0.49
CA GLY A 221 1.47 16.92 -0.92
C GLY A 221 0.80 15.97 -1.91
N ARG A 222 1.28 14.75 -2.08
CA ARG A 222 0.81 13.96 -3.23
C ARG A 222 -0.13 12.85 -2.77
N GLY A 223 -1.23 12.71 -3.52
CA GLY A 223 -2.06 11.52 -3.38
C GLY A 223 -1.42 10.33 -4.09
N ILE A 224 -1.81 9.13 -3.67
CA ILE A 224 -1.28 7.92 -4.30
C ILE A 224 -2.36 6.84 -4.23
N GLN A 225 -2.58 6.20 -5.35
CA GLN A 225 -3.57 5.11 -5.32
C GLN A 225 -3.03 3.90 -4.55
N ALA A 226 -3.74 3.45 -3.51
CA ALA A 226 -3.25 2.40 -2.64
C ALA A 226 -3.63 0.98 -3.11
N ALA A 227 -4.82 0.84 -3.68
CA ALA A 227 -5.23 -0.49 -4.23
C ALA A 227 -6.45 -0.19 -5.09
N THR A 228 -6.90 -1.22 -5.85
CA THR A 228 -7.95 -0.93 -6.81
C THR A 228 -8.88 -2.16 -6.99
N SER A 229 -10.17 -1.88 -7.17
CA SER A 229 -11.17 -2.95 -7.39
C SER A 229 -12.13 -2.52 -8.50
N HIS A 230 -12.14 -3.29 -9.61
CA HIS A 230 -12.82 -2.86 -10.82
C HIS A 230 -14.04 -3.74 -11.06
N LEU A 231 -15.13 -3.10 -11.42
CA LEU A 231 -16.27 -3.75 -12.07
C LEU A 231 -15.98 -3.75 -13.57
N LEU A 232 -15.61 -4.90 -14.10
CA LEU A 232 -15.41 -4.96 -15.54
C LEU A 232 -16.73 -5.10 -16.28
N GLY A 233 -17.78 -5.52 -15.56
CA GLY A 233 -19.09 -5.67 -16.23
C GLY A 233 -18.98 -6.78 -17.25
N THR A 234 -19.63 -6.61 -18.40
CA THR A 234 -19.59 -7.60 -19.46
C THR A 234 -18.62 -7.22 -20.58
N ASN A 235 -17.82 -6.15 -20.41
CA ASN A 235 -16.97 -5.71 -21.53
C ASN A 235 -15.94 -6.77 -21.92
N PHE A 236 -15.24 -7.34 -20.94
CA PHE A 236 -14.22 -8.33 -21.25
C PHE A 236 -14.88 -9.65 -21.66
N ALA A 237 -16.05 -9.94 -21.10
CA ALA A 237 -16.81 -11.13 -21.52
C ALA A 237 -17.08 -11.11 -23.02
N LYS A 238 -17.44 -9.94 -23.54
CA LYS A 238 -17.67 -9.81 -24.98
C LYS A 238 -16.38 -9.99 -25.76
N MET A 239 -15.29 -9.34 -25.32
CA MET A 239 -14.01 -9.51 -26.02
C MET A 239 -13.58 -11.00 -26.09
N PHE A 240 -13.71 -11.72 -24.98
CA PHE A 240 -13.22 -13.08 -24.90
C PHE A 240 -14.31 -14.13 -25.03
N GLU A 241 -15.55 -13.72 -25.31
CA GLU A 241 -16.67 -14.66 -25.50
C GLU A 241 -16.86 -15.57 -24.28
N ILE A 242 -17.04 -14.93 -23.13
CA ILE A 242 -17.24 -15.65 -21.88
C ILE A 242 -18.74 -15.64 -21.59
N GLU A 243 -19.42 -16.77 -21.82
CA GLU A 243 -20.87 -16.85 -21.72
C GLU A 243 -21.29 -18.07 -20.89
N PHE A 244 -22.48 -18.00 -20.31
CA PHE A 244 -23.07 -19.14 -19.62
C PHE A 244 -24.51 -19.29 -20.05
N GLU A 245 -25.05 -20.51 -19.84
CA GLU A 245 -26.46 -20.76 -20.11
C GLU A 245 -27.20 -20.75 -18.77
N ASP A 246 -28.30 -20.00 -18.68
CA ASP A 246 -29.21 -20.15 -17.55
C ASP A 246 -29.90 -21.51 -17.58
N GLU A 247 -30.77 -21.74 -16.59
CA GLU A 247 -31.43 -23.03 -16.54
C GLU A 247 -32.51 -23.18 -17.60
N GLU A 248 -32.85 -22.10 -18.31
CA GLU A 248 -33.74 -22.15 -19.47
C GLU A 248 -32.99 -22.28 -20.80
N GLY A 249 -31.66 -22.24 -20.80
CA GLY A 249 -30.87 -22.51 -21.98
C GLY A 249 -30.43 -21.30 -22.78
N HIS A 250 -30.76 -20.07 -22.34
CA HIS A 250 -30.28 -18.87 -22.99
C HIS A 250 -28.84 -18.54 -22.57
N LYS A 251 -28.02 -18.19 -23.55
CA LYS A 251 -26.65 -17.77 -23.29
C LYS A 251 -26.66 -16.30 -22.90
N ARG A 252 -25.92 -15.98 -21.84
CA ARG A 252 -25.74 -14.64 -21.29
C ARG A 252 -24.25 -14.41 -21.06
N LEU A 253 -23.79 -13.17 -21.18
CA LEU A 253 -22.41 -12.86 -20.81
C LEU A 253 -22.26 -12.85 -19.30
N VAL A 254 -21.08 -13.31 -18.81
CA VAL A 254 -20.82 -13.18 -17.39
C VAL A 254 -20.46 -11.73 -17.04
N HIS A 255 -20.49 -11.41 -15.75
CA HIS A 255 -20.12 -10.07 -15.27
C HIS A 255 -18.89 -10.22 -14.40
N GLN A 256 -17.86 -9.38 -14.63
CA GLN A 256 -16.57 -9.68 -14.12
C GLN A 256 -16.06 -8.56 -13.22
N THR A 257 -15.10 -8.97 -12.37
CA THR A 257 -14.33 -8.05 -11.53
C THR A 257 -12.84 -8.41 -11.64
N SER A 258 -11.98 -7.38 -11.42
CA SER A 258 -10.54 -7.51 -11.38
C SER A 258 -10.10 -6.65 -10.18
N TRP A 259 -9.10 -7.08 -9.41
CA TRP A 259 -8.68 -6.22 -8.29
C TRP A 259 -7.24 -6.54 -7.91
N GLY A 260 -6.48 -5.48 -7.47
CA GLY A 260 -5.13 -5.82 -7.14
C GLY A 260 -4.53 -4.82 -6.14
N CYS A 261 -3.45 -5.30 -5.55
CA CYS A 261 -2.71 -4.50 -4.55
C CYS A 261 -1.25 -4.93 -4.60
N THR A 262 -0.28 -4.00 -4.35
CA THR A 262 1.11 -4.30 -4.66
C THR A 262 1.99 -3.97 -3.42
N THR A 263 3.29 -4.24 -3.56
CA THR A 263 4.28 -3.83 -2.52
C THR A 263 4.40 -2.31 -2.39
N ARG A 264 3.73 -1.55 -3.27
CA ARG A 264 3.54 -0.12 -3.03
C ARG A 264 3.05 0.12 -1.60
N SER A 265 2.22 -0.77 -1.07
CA SER A 265 1.67 -0.57 0.26
C SER A 265 2.78 -0.41 1.31
N LEU A 266 3.88 -1.19 1.19
CA LEU A 266 5.00 -1.06 2.12
C LEU A 266 5.57 0.35 2.11
N GLY A 267 5.79 0.91 0.91
CA GLY A 267 6.32 2.25 0.82
C GLY A 267 5.41 3.28 1.48
N VAL A 268 4.09 3.11 1.30
CA VAL A 268 3.13 4.05 1.87
C VAL A 268 3.22 3.97 3.39
N MET A 269 3.32 2.73 3.92
CA MET A 269 3.47 2.55 5.37
C MET A 269 4.74 3.25 5.87
N ILE A 270 5.84 3.11 5.12
CA ILE A 270 7.13 3.65 5.56
C ILE A 270 7.03 5.16 5.64
N MET A 271 6.45 5.78 4.60
CA MET A 271 6.39 7.25 4.58
C MET A 271 5.43 7.77 5.61
N THR A 272 4.40 6.99 5.93
CA THR A 272 3.36 7.49 6.83
C THR A 272 3.90 7.55 8.26
N HIS A 273 4.55 6.49 8.70
CA HIS A 273 4.91 6.43 10.12
C HIS A 273 6.35 6.83 10.43
N GLY A 274 7.23 6.88 9.44
CA GLY A 274 8.64 7.10 9.76
C GLY A 274 8.86 8.45 10.41
N ASP A 275 10.03 8.60 11.06
CA ASP A 275 10.36 9.89 11.70
C ASP A 275 11.85 10.14 11.49
N ASP A 276 12.41 11.15 12.20
CA ASP A 276 13.80 11.51 11.92
C ASP A 276 14.77 10.41 12.30
N LYS A 277 14.42 9.53 13.25
CA LYS A 277 15.32 8.43 13.60
C LYS A 277 15.25 7.27 12.61
N GLY A 278 14.21 7.23 11.77
CA GLY A 278 14.13 6.19 10.76
C GLY A 278 12.76 5.55 10.71
N LEU A 279 12.71 4.23 10.41
CA LEU A 279 11.43 3.55 10.31
C LEU A 279 10.71 3.47 11.65
N VAL A 280 9.37 3.36 11.57
CA VAL A 280 8.50 3.00 12.68
C VAL A 280 7.51 2.00 12.09
N ILE A 281 7.56 0.75 12.52
CA ILE A 281 6.71 -0.31 11.94
C ILE A 281 5.54 -0.57 12.87
N PRO A 282 4.31 -0.54 12.38
CA PRO A 282 3.16 -0.85 13.24
C PRO A 282 3.31 -2.25 13.83
N PRO A 283 2.95 -2.41 15.13
CA PRO A 283 3.08 -3.71 15.81
C PRO A 283 2.44 -4.89 15.08
N ARG A 284 1.30 -4.68 14.42
CA ARG A 284 0.62 -5.79 13.74
C ARG A 284 1.40 -6.36 12.56
N VAL A 285 2.33 -5.62 11.95
CA VAL A 285 3.10 -6.22 10.89
C VAL A 285 4.59 -6.32 11.20
N ALA A 286 5.04 -5.84 12.35
CA ALA A 286 6.47 -5.88 12.68
C ALA A 286 6.93 -7.34 12.87
N SER A 287 7.99 -7.72 12.18
CA SER A 287 8.46 -9.09 12.34
C SER A 287 9.13 -9.30 13.68
N VAL A 288 9.77 -8.24 14.24
CA VAL A 288 10.18 -8.16 15.64
C VAL A 288 9.34 -7.07 16.31
N GLN A 289 8.49 -7.45 17.24
CA GLN A 289 7.66 -6.49 17.96
C GLN A 289 8.39 -5.98 19.19
N VAL A 290 9.18 -6.86 19.80
CA VAL A 290 9.90 -6.53 21.03
C VAL A 290 11.33 -6.98 20.86
N VAL A 291 12.27 -6.03 20.99
CA VAL A 291 13.68 -6.39 21.04
C VAL A 291 14.15 -6.27 22.49
N ILE A 292 14.72 -7.34 23.03
CA ILE A 292 15.23 -7.40 24.41
C ILE A 292 16.72 -7.10 24.37
N ILE A 293 17.14 -6.06 25.12
CA ILE A 293 18.56 -5.68 25.12
C ILE A 293 19.09 -5.92 26.53
N PRO A 294 19.89 -6.96 26.80
CA PRO A 294 20.48 -7.08 28.12
C PRO A 294 21.61 -6.08 28.29
N ILE A 295 21.70 -5.51 29.47
CA ILE A 295 22.82 -4.67 29.86
C ILE A 295 23.89 -5.59 30.38
N LEU A 296 25.10 -5.50 29.82
CA LEU A 296 26.14 -6.52 30.03
C LEU A 296 27.43 -5.88 30.56
N PHE A 297 27.36 -5.25 31.74
CA PHE A 297 28.56 -4.77 32.41
C PHE A 297 29.60 -5.88 32.55
N LYS A 298 30.87 -5.49 32.47
CA LYS A 298 31.93 -6.47 32.63
C LYS A 298 31.85 -7.14 34.01
N ASP A 299 31.60 -6.37 35.06
CA ASP A 299 31.65 -6.87 36.44
C ASP A 299 30.24 -7.15 36.96
N GLU A 300 29.51 -7.99 36.24
CA GLU A 300 28.15 -8.39 36.60
C GLU A 300 28.00 -9.88 36.33
N ASN A 301 26.93 -10.50 36.87
CA ASN A 301 26.57 -11.89 36.56
C ASN A 301 25.88 -11.94 35.21
N THR A 302 26.68 -11.95 34.15
CA THR A 302 26.08 -11.87 32.82
C THR A 302 25.21 -13.08 32.52
N GLY A 303 25.59 -14.25 33.04
CA GLY A 303 24.82 -15.45 32.82
C GLY A 303 23.41 -15.34 33.35
N GLU A 304 23.26 -14.82 34.57
CA GLU A 304 21.94 -14.62 35.17
C GLU A 304 21.08 -13.63 34.36
N ILE A 305 21.69 -12.53 33.90
CA ILE A 305 20.97 -11.55 33.10
C ILE A 305 20.48 -12.19 31.79
N LEU A 306 21.37 -12.90 31.10
CA LEU A 306 20.94 -13.51 29.84
C LEU A 306 19.90 -14.60 30.10
N GLY A 307 20.04 -15.34 31.20
CA GLY A 307 19.04 -16.35 31.53
C GLY A 307 17.65 -15.75 31.70
N LYS A 308 17.59 -14.61 32.39
CA LYS A 308 16.30 -13.95 32.58
C LYS A 308 15.77 -13.39 31.28
N CYS A 309 16.65 -12.91 30.38
CA CYS A 309 16.15 -12.47 29.08
C CYS A 309 15.53 -13.64 28.30
N ARG A 310 16.14 -14.82 28.39
CA ARG A 310 15.54 -15.98 27.71
C ARG A 310 14.19 -16.37 28.32
N GLU A 311 14.10 -16.38 29.66
CA GLU A 311 12.83 -16.63 30.32
C GLU A 311 11.75 -15.63 29.90
N LEU A 312 12.09 -14.35 29.90
CA LEU A 312 11.14 -13.33 29.46
C LEU A 312 10.73 -13.58 28.02
N LYS A 313 11.68 -13.97 27.17
CA LYS A 313 11.31 -14.21 25.78
C LYS A 313 10.30 -15.35 25.69
N THR A 314 10.55 -16.43 26.43
CA THR A 314 9.66 -17.59 26.42
C THR A 314 8.27 -17.19 26.89
N MET A 315 8.23 -16.37 27.96
CA MET A 315 6.98 -15.88 28.52
C MET A 315 6.20 -15.01 27.54
N LEU A 316 6.88 -14.12 26.83
CA LEU A 316 6.21 -13.26 25.87
C LEU A 316 5.70 -14.05 24.66
N GLU A 317 6.48 -15.05 24.20
CA GLU A 317 6.07 -15.82 23.03
C GLU A 317 4.87 -16.69 23.34
N LYS A 318 4.62 -16.98 24.62
CA LYS A 318 3.38 -17.70 24.97
C LYS A 318 2.15 -16.84 24.69
N ALA A 319 2.30 -15.52 24.74
CA ALA A 319 1.28 -14.56 24.35
C ALA A 319 1.34 -14.18 22.88
N ASP A 320 2.13 -14.91 22.05
CA ASP A 320 2.24 -14.68 20.61
C ASP A 320 2.90 -13.34 20.28
N ILE A 321 3.73 -12.83 21.18
CA ILE A 321 4.57 -11.66 20.90
C ILE A 321 5.84 -12.12 20.20
N ARG A 322 6.19 -11.45 19.11
CA ARG A 322 7.37 -11.77 18.31
C ARG A 322 8.60 -11.09 18.93
N VAL A 323 9.57 -11.86 19.44
CA VAL A 323 10.65 -11.31 20.29
C VAL A 323 11.99 -11.67 19.70
N ARG A 324 12.95 -10.73 19.78
CA ARG A 324 14.33 -11.04 19.50
C ARG A 324 15.19 -10.51 20.63
N ILE A 325 16.18 -11.31 21.05
CA ILE A 325 17.20 -10.87 22.04
C ILE A 325 18.46 -10.50 21.29
N ASP A 326 18.92 -9.27 21.50
CA ASP A 326 20.18 -8.87 20.89
C ASP A 326 21.20 -8.98 22.01
N ASP A 327 21.83 -10.15 22.14
CA ASP A 327 22.83 -10.36 23.18
C ASP A 327 24.27 -10.17 22.66
N ARG A 328 24.44 -9.50 21.52
CA ARG A 328 25.78 -9.27 20.96
C ARG A 328 26.73 -8.62 21.97
N SER A 329 27.89 -9.24 22.17
CA SER A 329 28.85 -8.74 23.13
C SER A 329 29.61 -7.53 22.64
N ASN A 330 29.73 -7.36 21.32
CA ASN A 330 30.72 -6.44 20.79
C ASN A 330 30.13 -5.07 20.45
N TYR A 331 28.85 -4.84 20.75
CA TYR A 331 28.21 -3.55 20.58
C TYR A 331 27.65 -3.05 21.91
N THR A 332 27.69 -1.72 22.10
CA THR A 332 27.12 -1.10 23.29
C THR A 332 25.59 -1.10 23.27
N PRO A 333 24.97 -0.95 24.45
CA PRO A 333 23.51 -0.74 24.43
C PRO A 333 23.12 0.49 23.63
N GLY A 334 23.85 1.60 23.73
CA GLY A 334 23.50 2.74 22.91
C GLY A 334 23.47 2.40 21.42
N TRP A 335 24.49 1.68 20.96
CA TRP A 335 24.55 1.26 19.55
C TRP A 335 23.32 0.44 19.20
N LYS A 336 22.97 -0.51 20.06
CA LYS A 336 21.81 -1.36 19.81
C LYS A 336 20.52 -0.57 19.81
N TYR A 337 20.40 0.42 20.69
CA TYR A 337 19.17 1.21 20.73
C TYR A 337 18.93 1.84 19.37
N ASN A 338 19.98 2.50 18.85
CA ASN A 338 19.88 3.16 17.57
C ASN A 338 19.66 2.14 16.44
N HIS A 339 20.34 1.00 16.49
CA HIS A 339 20.21 0.01 15.42
C HIS A 339 18.75 -0.48 15.26
N TRP A 340 18.11 -0.83 16.38
CA TRP A 340 16.74 -1.28 16.27
C TRP A 340 15.73 -0.13 16.13
N GLU A 341 16.09 1.10 16.54
CA GLU A 341 15.25 2.27 16.22
C GLU A 341 15.21 2.52 14.71
N VAL A 342 16.36 2.52 14.07
CA VAL A 342 16.45 2.71 12.61
C VAL A 342 15.58 1.68 11.88
N LYS A 343 15.57 0.43 12.36
CA LYS A 343 14.79 -0.66 11.76
C LYS A 343 13.32 -0.63 12.15
N GLY A 344 12.92 0.24 13.09
CA GLY A 344 11.51 0.48 13.34
C GLY A 344 10.86 -0.49 14.31
N VAL A 345 11.64 -1.22 15.11
CA VAL A 345 11.05 -2.15 16.09
C VAL A 345 10.20 -1.35 17.08
N PRO A 346 8.94 -1.72 17.31
CA PRO A 346 8.05 -0.82 18.06
C PRO A 346 8.34 -0.78 19.57
N LEU A 347 8.93 -1.82 20.16
CA LEU A 347 9.18 -1.83 21.60
C LEU A 347 10.57 -2.36 21.86
N ARG A 348 11.27 -1.67 22.74
CA ARG A 348 12.55 -2.16 23.24
C ARG A 348 12.39 -2.46 24.74
N LEU A 349 12.95 -3.59 25.17
CA LEU A 349 12.91 -3.98 26.58
C LEU A 349 14.36 -4.09 27.03
N GLU A 350 14.73 -3.34 28.07
CA GLU A 350 16.07 -3.31 28.63
C GLU A 350 16.06 -4.01 29.98
N LEU A 351 17.10 -4.81 30.21
CA LEU A 351 17.20 -5.56 31.44
C LEU A 351 18.64 -5.57 31.93
N GLY A 352 18.91 -4.97 33.10
CA GLY A 352 20.22 -4.91 33.72
C GLY A 352 20.15 -5.44 35.14
N PRO A 353 21.28 -5.45 35.87
CA PRO A 353 21.24 -6.02 37.23
C PRO A 353 20.30 -5.30 38.19
N LYS A 354 20.09 -3.99 38.03
CA LYS A 354 19.17 -3.29 38.93
C LYS A 354 17.72 -3.71 38.68
N ASP A 355 17.36 -3.96 37.42
CA ASP A 355 16.02 -4.45 37.10
C ASP A 355 15.82 -5.85 37.66
N LEU A 356 16.80 -6.73 37.44
CA LEU A 356 16.70 -8.06 38.00
C LEU A 356 16.49 -7.98 39.50
N ALA A 357 17.22 -7.09 40.17
CA ALA A 357 17.07 -7.01 41.61
C ALA A 357 15.68 -6.57 42.03
N LYS A 358 14.99 -5.75 41.20
CA LYS A 358 13.62 -5.33 41.54
C LYS A 358 12.51 -6.20 40.92
N GLY A 359 12.82 -7.13 40.02
CA GLY A 359 11.80 -7.90 39.33
C GLY A 359 11.01 -7.13 38.28
N THR A 360 11.64 -6.16 37.63
CA THR A 360 10.98 -5.32 36.63
C THR A 360 11.82 -5.31 35.37
N ALA A 361 11.24 -4.76 34.32
CA ALA A 361 11.96 -4.46 33.09
C ALA A 361 11.60 -3.05 32.66
N ARG A 362 12.50 -2.42 31.92
CA ARG A 362 12.27 -1.09 31.38
C ARG A 362 11.89 -1.21 29.91
N VAL A 363 10.79 -0.60 29.50
CA VAL A 363 10.27 -0.79 28.15
C VAL A 363 10.13 0.60 27.51
N VAL A 364 10.65 0.76 26.30
CA VAL A 364 10.65 2.05 25.59
C VAL A 364 9.88 1.89 24.28
N ARG A 365 8.85 2.72 24.09
CA ARG A 365 8.07 2.65 22.87
C ARG A 365 8.69 3.53 21.77
N ARG A 366 8.71 2.97 20.55
CA ARG A 366 9.48 3.56 19.45
C ARG A 366 8.84 4.86 18.96
N ASP A 367 7.50 4.94 18.98
CA ASP A 367 6.80 6.08 18.35
C ASP A 367 7.00 7.37 19.14
N THR A 368 6.93 7.30 20.47
CA THR A 368 6.99 8.50 21.30
C THR A 368 8.23 8.59 22.19
N GLY A 369 8.99 7.50 22.36
CA GLY A 369 10.10 7.49 23.31
C GLY A 369 9.68 7.31 24.76
N GLU A 370 8.40 7.15 25.05
CA GLU A 370 8.01 7.04 26.45
C GLU A 370 8.49 5.71 27.03
N ALA A 371 9.02 5.77 28.25
CA ALA A 371 9.52 4.57 28.91
C ALA A 371 8.58 4.15 30.04
N TYR A 372 8.56 2.85 30.34
CA TYR A 372 7.70 2.27 31.35
C TYR A 372 8.50 1.29 32.19
N GLN A 373 8.14 1.12 33.46
CA GLN A 373 8.73 0.09 34.31
C GLN A 373 7.62 -0.90 34.57
N ILE A 374 7.82 -2.14 34.16
CA ILE A 374 6.78 -3.15 34.23
C ILE A 374 7.30 -4.33 35.02
N SER A 375 6.54 -4.76 36.02
CA SER A 375 6.90 -5.99 36.71
C SER A 375 6.82 -7.17 35.74
N TRP A 376 7.64 -8.20 35.98
CA TRP A 376 7.67 -9.33 35.04
C TRP A 376 6.30 -10.00 34.96
N ALA A 377 5.58 -10.04 36.09
CA ALA A 377 4.25 -10.66 36.12
C ALA A 377 3.28 -9.97 35.16
N ASP A 378 3.42 -8.67 35.00
CA ASP A 378 2.51 -7.91 34.15
C ASP A 378 3.02 -7.75 32.75
N LEU A 379 4.21 -8.30 32.43
CA LEU A 379 4.81 -7.96 31.15
C LEU A 379 3.93 -8.35 29.96
N ALA A 380 3.47 -9.60 29.92
CA ALA A 380 2.74 -10.02 28.72
C ALA A 380 1.47 -9.21 28.52
N PRO A 381 0.56 -9.08 29.48
CA PRO A 381 -0.65 -8.25 29.22
C PRO A 381 -0.33 -6.76 29.02
N LYS A 382 0.63 -6.19 29.76
CA LYS A 382 0.95 -4.78 29.54
C LYS A 382 1.50 -4.54 28.16
N LEU A 383 2.45 -5.38 27.72
CA LEU A 383 2.97 -5.24 26.36
C LEU A 383 1.88 -5.45 25.30
N LEU A 384 0.92 -6.34 25.55
CA LEU A 384 -0.13 -6.51 24.56
C LEU A 384 -0.89 -5.20 24.44
N GLU A 385 -1.22 -4.59 25.59
CA GLU A 385 -2.04 -3.38 25.50
C GLU A 385 -1.18 -2.24 24.94
N LEU A 386 0.13 -2.24 25.22
CA LEU A 386 0.95 -1.15 24.70
C LEU A 386 1.02 -1.24 23.18
N MET A 387 1.14 -2.47 22.65
CA MET A 387 1.23 -2.57 21.19
C MET A 387 -0.07 -2.11 20.56
N GLU A 388 -1.21 -2.46 21.18
CA GLU A 388 -2.47 -2.01 20.61
C GLU A 388 -2.59 -0.49 20.68
N GLY A 389 -2.00 0.13 21.72
CA GLY A 389 -2.02 1.59 21.82
C GLY A 389 -1.12 2.21 20.76
N ILE A 390 0.05 1.61 20.51
CA ILE A 390 0.96 2.16 19.50
C ILE A 390 0.30 2.09 18.13
N GLN A 391 -0.26 0.91 17.80
CA GLN A 391 -0.97 0.72 16.54
C GLN A 391 -2.04 1.82 16.40
N ARG A 392 -2.83 2.00 17.45
CA ARG A 392 -3.95 2.93 17.35
C ARG A 392 -3.43 4.35 17.23
N SER A 393 -2.36 4.65 17.98
CA SER A 393 -1.85 6.00 17.98
C SER A 393 -1.29 6.33 16.60
N LEU A 394 -0.56 5.37 16.01
CA LEU A 394 0.01 5.61 14.70
C LEU A 394 -1.10 5.89 13.70
N PHE A 395 -2.21 5.14 13.80
CA PHE A 395 -3.29 5.38 12.85
C PHE A 395 -3.93 6.74 13.10
N GLU A 396 -4.17 7.08 14.37
CA GLU A 396 -4.97 8.28 14.62
C GLU A 396 -4.18 9.53 14.25
N LYS A 397 -2.89 9.55 14.54
CA LYS A 397 -2.06 10.68 14.14
C LYS A 397 -2.02 10.79 12.63
N ALA A 398 -1.88 9.63 11.95
CA ALA A 398 -1.87 9.65 10.48
C ALA A 398 -3.21 10.13 9.95
N LYS A 399 -4.30 9.75 10.61
CA LYS A 399 -5.59 10.17 10.12
C LYS A 399 -5.78 11.68 10.30
N ALA A 400 -5.24 12.23 11.39
CA ALA A 400 -5.38 13.69 11.57
C ALA A 400 -4.57 14.44 10.52
N ARG A 401 -3.42 13.88 10.09
CA ARG A 401 -2.64 14.53 9.05
C ARG A 401 -3.43 14.48 7.75
N LEU A 402 -4.09 13.34 7.48
CA LEU A 402 -4.94 13.25 6.29
C LEU A 402 -5.99 14.34 6.31
N HIS A 403 -6.62 14.58 7.48
CA HIS A 403 -7.75 15.50 7.44
C HIS A 403 -7.27 16.93 7.39
N GLU A 404 -6.08 17.19 7.94
CA GLU A 404 -5.51 18.52 7.82
C GLU A 404 -5.07 18.82 6.40
N GLY A 405 -4.91 17.78 5.59
CA GLY A 405 -4.33 17.87 4.28
C GLY A 405 -5.32 18.07 3.17
N ILE A 406 -6.60 18.16 3.48
CA ILE A 406 -7.63 18.31 2.47
C ILE A 406 -8.41 19.58 2.71
N GLU A 407 -8.46 20.44 1.69
CA GLU A 407 -9.20 21.70 1.72
C GLU A 407 -10.44 21.57 0.87
N LYS A 408 -11.58 21.85 1.47
CA LYS A 408 -12.81 21.92 0.70
C LYS A 408 -12.88 23.30 0.07
N ILE A 409 -13.06 23.36 -1.26
CA ILE A 409 -13.09 24.63 -2.00
C ILE A 409 -14.34 24.69 -2.87
N SER A 410 -14.66 25.91 -3.36
CA SER A 410 -15.83 26.13 -4.20
C SER A 410 -15.52 26.57 -5.63
N THR A 411 -14.37 27.20 -5.89
CA THR A 411 -14.06 27.73 -7.23
C THR A 411 -12.59 27.49 -7.52
N PHE A 412 -12.24 27.69 -8.79
CA PHE A 412 -10.93 27.23 -9.27
C PHE A 412 -9.78 28.12 -8.82
N ASP A 413 -9.96 29.42 -8.58
CA ASP A 413 -8.73 30.08 -8.15
C ASP A 413 -8.44 29.86 -6.66
N GLU A 414 -9.17 28.99 -5.96
CA GLU A 414 -8.62 28.51 -4.69
C GLU A 414 -7.68 27.31 -4.88
N VAL A 415 -7.52 26.78 -6.09
CA VAL A 415 -6.75 25.54 -6.28
C VAL A 415 -5.28 25.78 -5.98
N MET A 416 -4.64 26.69 -6.72
CA MET A 416 -3.19 26.80 -6.61
C MET A 416 -2.72 27.16 -5.21
N PRO A 417 -3.37 28.06 -4.45
CA PRO A 417 -2.97 28.25 -3.06
C PRO A 417 -3.04 27.00 -2.23
N ALA A 418 -4.11 26.21 -2.39
CA ALA A 418 -4.21 24.93 -1.72
C ALA A 418 -3.08 24.00 -2.15
N LEU A 419 -2.77 23.94 -3.46
CA LEU A 419 -1.71 23.04 -3.91
C LEU A 419 -0.36 23.52 -3.38
N ASN A 420 -0.21 24.84 -3.22
CA ASN A 420 1.07 25.34 -2.74
C ASN A 420 1.23 25.11 -1.26
N ARG A 421 0.14 24.90 -0.53
CA ARG A 421 0.22 24.37 0.84
C ARG A 421 0.45 22.86 0.88
N LYS A 422 0.71 22.20 -0.25
CA LYS A 422 0.79 20.74 -0.34
C LYS A 422 -0.48 20.07 0.16
N HIS A 423 -1.63 20.63 -0.19
CA HIS A 423 -2.90 20.03 0.19
C HIS A 423 -3.59 19.41 -1.02
N LEU A 424 -4.45 18.43 -0.74
CA LEU A 424 -5.50 18.01 -1.67
C LEU A 424 -6.68 18.97 -1.59
N VAL A 425 -7.49 18.99 -2.65
CA VAL A 425 -8.70 19.80 -2.65
C VAL A 425 -9.92 18.90 -2.87
N LEU A 426 -10.97 19.22 -2.18
CA LEU A 426 -12.26 18.57 -2.33
C LEU A 426 -13.22 19.58 -2.94
N ALA A 427 -13.71 19.30 -4.16
CA ALA A 427 -14.44 20.35 -4.89
C ALA A 427 -15.69 19.79 -5.57
N PRO A 428 -16.77 20.57 -5.66
CA PRO A 428 -17.93 20.13 -6.45
C PRO A 428 -17.57 20.07 -7.93
N TRP A 429 -17.91 18.96 -8.58
CA TRP A 429 -17.49 18.77 -9.96
C TRP A 429 -18.64 18.24 -10.80
N CYS A 430 -18.66 18.71 -12.04
CA CYS A 430 -19.68 18.31 -13.02
C CYS A 430 -19.37 16.98 -13.68
N GLU A 431 -18.15 16.46 -13.50
CA GLU A 431 -17.75 15.12 -13.92
C GLU A 431 -17.74 14.96 -15.43
N ASP A 432 -17.64 16.07 -16.15
CA ASP A 432 -17.44 16.01 -17.59
C ASP A 432 -16.00 15.63 -17.90
N PRO A 433 -15.75 14.70 -18.84
CA PRO A 433 -14.39 14.15 -18.95
C PRO A 433 -13.42 15.15 -19.52
N GLU A 434 -13.86 15.99 -20.48
CA GLU A 434 -13.00 17.01 -21.04
C GLU A 434 -12.45 17.97 -19.99
N SER A 435 -13.24 18.30 -18.95
CA SER A 435 -12.75 19.27 -17.97
C SER A 435 -11.60 18.72 -17.13
N GLU A 436 -11.54 17.41 -16.91
CA GLU A 436 -10.41 16.89 -16.15
C GLU A 436 -9.12 17.13 -16.91
N GLU A 437 -9.14 16.93 -18.24
CA GLU A 437 -7.90 17.15 -18.98
C GLU A 437 -7.54 18.61 -19.05
N GLN A 438 -8.57 19.50 -19.15
CA GLN A 438 -8.27 20.93 -19.12
C GLN A 438 -7.65 21.33 -17.79
N ILE A 439 -8.16 20.79 -16.69
CA ILE A 439 -7.67 21.13 -15.36
C ILE A 439 -6.22 20.66 -15.17
N LYS A 440 -5.94 19.41 -15.60
CA LYS A 440 -4.56 18.92 -15.57
C LYS A 440 -3.62 19.82 -16.37
N LYS A 441 -4.02 20.23 -17.58
CA LYS A 441 -3.09 21.08 -18.35
C LYS A 441 -2.90 22.48 -17.73
N GLU A 442 -3.99 23.07 -17.21
CA GLU A 442 -3.91 24.40 -16.64
C GLU A 442 -3.08 24.42 -15.36
N THR A 443 -3.32 23.45 -14.47
CA THR A 443 -2.54 23.39 -13.23
C THR A 443 -1.09 23.04 -13.51
N GLN A 444 -0.82 22.18 -14.52
CA GLN A 444 0.56 21.95 -14.90
C GLN A 444 1.24 23.27 -15.32
N LYS A 445 0.56 24.04 -16.15
CA LYS A 445 1.09 25.30 -16.64
C LYS A 445 1.38 26.29 -15.51
N LEU A 446 0.41 26.47 -14.61
CA LEU A 446 0.59 27.40 -13.49
C LEU A 446 1.71 26.95 -12.56
N SER A 447 1.92 25.62 -12.43
CA SER A 447 3.02 25.11 -11.62
C SER A 447 4.35 25.41 -12.26
N GLU A 448 4.41 25.35 -13.59
CA GLU A 448 5.66 25.69 -14.27
C GLU A 448 6.05 27.14 -14.02
N ILE A 449 5.09 28.07 -14.21
CA ILE A 449 5.38 29.47 -13.92
C ILE A 449 5.88 29.65 -12.49
N GLN A 450 5.21 29.03 -11.52
CA GLN A 450 5.65 29.20 -10.13
C GLN A 450 7.05 28.65 -9.90
N ALA A 451 7.38 27.52 -10.56
CA ALA A 451 8.74 26.98 -10.46
C ALA A 451 9.76 28.01 -10.92
N ILE A 452 9.43 28.79 -11.95
CA ILE A 452 10.41 29.76 -12.45
C ILE A 452 10.54 30.94 -11.48
N GLU A 453 9.45 31.32 -10.83
CA GLU A 453 9.59 32.30 -9.75
C GLU A 453 10.35 31.74 -8.54
N ALA A 454 10.57 30.43 -8.48
CA ALA A 454 11.12 29.77 -7.30
C ALA A 454 12.65 29.62 -7.25
N GLY A 455 13.35 29.74 -8.39
CA GLY A 455 14.80 29.56 -8.41
C GLY A 455 15.34 28.13 -8.30
N MET A 461 9.20 15.42 -11.63
CA MET A 461 8.15 15.58 -10.61
C MET A 461 6.96 16.43 -11.13
N THR A 462 5.98 15.80 -11.81
CA THR A 462 4.95 16.57 -12.52
C THR A 462 4.19 17.52 -11.58
N GLY A 463 3.87 18.71 -12.10
CA GLY A 463 3.04 19.66 -11.39
C GLY A 463 1.51 19.56 -11.56
N ALA A 464 1.00 18.69 -12.45
CA ALA A 464 -0.44 18.68 -12.76
C ALA A 464 -1.31 18.17 -11.60
N MET A 465 -2.51 18.72 -11.49
CA MET A 465 -3.51 18.27 -10.53
C MET A 465 -4.49 17.36 -11.29
N LYS A 466 -4.82 16.22 -10.75
CA LYS A 466 -5.80 15.36 -11.40
C LYS A 466 -6.78 14.86 -10.37
N THR A 467 -7.86 14.19 -10.83
CA THR A 467 -8.75 13.57 -9.84
C THR A 467 -8.02 12.41 -9.16
N LEU A 468 -8.22 12.31 -7.86
CA LEU A 468 -7.80 11.13 -7.12
C LEU A 468 -8.95 10.15 -6.96
N CYS A 469 -10.09 10.64 -6.53
CA CYS A 469 -11.28 9.80 -6.60
C CYS A 469 -12.49 10.64 -6.25
N ILE A 470 -13.65 10.07 -6.54
CA ILE A 470 -14.93 10.63 -6.11
C ILE A 470 -15.33 9.86 -4.85
N PRO A 471 -15.23 10.44 -3.65
CA PRO A 471 -15.33 9.63 -2.44
C PRO A 471 -16.73 9.11 -2.20
N PHE A 472 -16.78 7.89 -1.63
CA PHE A 472 -18.05 7.32 -1.19
C PHE A 472 -18.71 8.21 -0.15
N ASP A 473 -17.94 8.74 0.78
CA ASP A 473 -18.48 9.67 1.78
C ASP A 473 -18.61 11.06 1.17
N GLN A 474 -19.81 11.43 0.76
CA GLN A 474 -20.09 12.72 0.15
C GLN A 474 -20.59 13.68 1.22
N PRO A 475 -19.94 14.83 1.45
CA PRO A 475 -20.58 15.89 2.30
C PRO A 475 -21.79 16.49 1.60
N PRO A 476 -22.58 17.31 2.30
CA PRO A 476 -23.82 17.86 1.70
C PRO A 476 -23.58 18.63 0.41
N MET A 477 -24.47 18.41 -0.55
CA MET A 477 -24.44 19.12 -1.83
C MET A 477 -25.69 19.98 -1.94
N PRO A 478 -25.64 21.23 -1.45
CA PRO A 478 -26.77 22.15 -1.64
C PRO A 478 -27.08 22.32 -3.12
N GLU A 479 -28.36 22.32 -3.46
CA GLU A 479 -28.70 22.40 -4.88
C GLU A 479 -28.44 23.81 -5.41
N GLY A 480 -28.20 23.88 -6.71
CA GLY A 480 -27.64 25.06 -7.30
C GLY A 480 -26.12 25.14 -7.27
N THR A 481 -25.43 24.31 -6.48
CA THR A 481 -23.97 24.37 -6.40
C THR A 481 -23.38 24.15 -7.79
N LYS A 482 -22.52 25.06 -8.22
CA LYS A 482 -21.94 24.91 -9.55
C LYS A 482 -20.57 24.23 -9.46
N CYS A 483 -20.15 23.66 -10.60
CA CYS A 483 -18.83 23.03 -10.75
C CYS A 483 -17.72 24.06 -10.63
N PHE A 484 -16.66 23.73 -9.86
CA PHE A 484 -15.62 24.72 -9.57
C PHE A 484 -14.81 25.16 -10.78
N TYR A 485 -14.88 24.44 -11.90
CA TYR A 485 -14.09 24.80 -13.07
C TYR A 485 -14.95 25.23 -14.25
N THR A 486 -16.09 24.58 -14.51
CA THR A 486 -16.88 24.94 -15.67
C THR A 486 -18.05 25.87 -15.35
N GLY A 487 -18.40 26.03 -14.08
CA GLY A 487 -19.62 26.73 -13.72
C GLY A 487 -20.90 25.98 -14.04
N LYS A 488 -20.82 24.79 -14.61
CA LYS A 488 -22.00 23.97 -14.87
C LYS A 488 -22.50 23.36 -13.57
N PRO A 489 -23.71 22.79 -13.56
CA PRO A 489 -24.20 22.20 -12.31
C PRO A 489 -23.28 21.11 -11.81
N ALA A 490 -22.95 21.18 -10.54
CA ALA A 490 -22.09 20.17 -9.95
C ALA A 490 -22.87 18.87 -9.77
N LYS A 491 -22.15 17.77 -9.87
CA LYS A 491 -22.73 16.46 -9.63
C LYS A 491 -22.27 15.91 -8.28
N ARG A 492 -20.97 15.75 -8.07
CA ARG A 492 -20.52 15.18 -6.81
C ARG A 492 -19.26 15.91 -6.33
N TRP A 493 -18.98 15.81 -5.04
CA TRP A 493 -17.68 16.24 -4.53
C TRP A 493 -16.60 15.29 -5.02
N THR A 494 -15.55 15.84 -5.59
CA THR A 494 -14.43 15.09 -6.11
C THR A 494 -13.14 15.53 -5.43
N LEU A 495 -12.31 14.55 -5.07
CA LEU A 495 -11.00 14.74 -4.45
C LEU A 495 -9.93 14.81 -5.54
N TRP A 496 -9.17 15.92 -5.55
CA TRP A 496 -8.13 16.24 -6.50
C TRP A 496 -6.82 16.50 -5.76
N GLY A 497 -5.72 16.27 -6.48
CA GLY A 497 -4.43 16.74 -5.95
C GLY A 497 -3.34 16.41 -6.95
N ARG A 498 -2.14 16.92 -6.66
CA ARG A 498 -0.97 16.32 -7.30
C ARG A 498 -0.87 14.86 -6.87
N SER A 499 -0.15 14.08 -7.64
CA SER A 499 -0.25 12.65 -7.40
C SER A 499 1.00 11.96 -7.88
N TYR A 500 1.13 10.69 -7.48
CA TYR A 500 2.05 9.73 -8.07
C TYR A 500 1.41 9.12 -9.34
#